data_2YN5
#
_entry.id   2YN5
#
_cell.length_a   129.400
_cell.length_b   69.040
_cell.length_c   67.260
_cell.angle_alpha   90.00
_cell.angle_beta   90.92
_cell.angle_gamma   90.00
#
_symmetry.space_group_name_H-M   'C 1 2 1'
#
loop_
_entity.id
_entity.type
_entity.pdbx_description
1 polymer 'PUTATIVE INNER MEMBRANE PROTEIN'
2 non-polymer 'CALCIUM ION'
3 water water
#
_entity_poly.entity_id   1
_entity_poly.type   'polypeptide(L)'
_entity_poly.pdbx_seq_one_letter_code
;TPPNAPVVTYSDIVNDLIIMQGTAEAKSQLIITDSEGNTYTLTVPDNGKWSMAIPYPSEGKFTITSVDAIGNRSDDVPLD
IMKEVPVISLSPDSDSGTVGDNITRDKQPTFIIGNLESDVVVVQVDINGTVYNAEKNADGVWFFTPGTPLADGSYTISVI
ASDAAGNQKNSLPITVTIDSTLTVPEIALAAGEDNGASDSDNVTNHTQPKFTLQHIDADVTGVTVNVTHNGVTDIYQATQ
GADGWTFTPPAAWNDGNYTLSVTVVDRAGNSQQSASLAVTVDSTVTVT
;
_entity_poly.pdbx_strand_id   A,B
#
loop_
_chem_comp.id
_chem_comp.type
_chem_comp.name
_chem_comp.formula
CA non-polymer 'CALCIUM ION' 'Ca 2'
#
# COMPACT_ATOMS: atom_id res chain seq x y z
N THR A 1 -34.07 17.84 -4.23
CA THR A 1 -32.95 16.87 -4.29
C THR A 1 -31.70 17.44 -3.56
N PRO A 2 -31.10 16.66 -2.62
CA PRO A 2 -29.83 17.10 -2.04
C PRO A 2 -28.72 17.19 -3.11
N PRO A 3 -27.60 17.90 -2.83
CA PRO A 3 -26.58 17.82 -3.88
C PRO A 3 -26.03 16.40 -4.01
N ASN A 4 -25.54 16.08 -5.20
CA ASN A 4 -24.74 14.86 -5.39
C ASN A 4 -23.47 14.84 -4.53
N ALA A 5 -23.03 13.64 -4.18
CA ALA A 5 -21.77 13.47 -3.41
C ALA A 5 -20.64 14.26 -4.05
N PRO A 6 -19.81 14.88 -3.24
CA PRO A 6 -18.59 15.47 -3.80
C PRO A 6 -17.66 14.37 -4.32
N VAL A 7 -16.70 14.70 -5.17
CA VAL A 7 -15.79 13.72 -5.75
C VAL A 7 -14.36 14.17 -5.39
N VAL A 8 -13.51 13.25 -4.94
CA VAL A 8 -12.05 13.56 -4.80
C VAL A 8 -11.34 12.93 -5.98
N THR A 9 -10.69 13.75 -6.80
CA THR A 9 -10.03 13.29 -8.00
C THR A 9 -8.51 13.20 -7.86
N TYR A 10 -7.94 13.73 -6.79
CA TYR A 10 -6.48 13.77 -6.64
C TYR A 10 -6.17 13.87 -5.17
N SER A 11 -5.19 13.10 -4.71
CA SER A 11 -4.67 13.38 -3.37
C SER A 11 -3.18 13.13 -3.34
N ASP A 12 -2.53 13.66 -2.31
CA ASP A 12 -1.09 13.53 -2.15
C ASP A 12 -0.78 13.99 -0.73
N ILE A 13 0.31 13.51 -0.17
CA ILE A 13 0.67 13.96 1.19
C ILE A 13 2.02 14.60 1.04
N VAL A 14 2.12 15.82 1.52
CA VAL A 14 3.32 16.64 1.39
C VAL A 14 3.54 17.21 2.78
N ASN A 15 4.62 16.79 3.41
CA ASN A 15 4.97 17.25 4.76
C ASN A 15 3.77 17.38 5.70
N ASP A 16 3.16 16.27 6.06
CA ASP A 16 2.07 16.25 7.06
C ASP A 16 0.72 16.88 6.64
N LEU A 17 0.60 17.30 5.38
CA LEU A 17 -0.66 17.84 4.90
C LEU A 17 -1.22 16.95 3.79
N ILE A 18 -2.50 16.61 3.89
CA ILE A 18 -3.15 15.97 2.75
C ILE A 18 -3.65 17.03 1.77
N ILE A 19 -3.17 16.95 0.54
CA ILE A 19 -3.55 17.86 -0.54
C ILE A 19 -4.58 17.16 -1.43
N MET A 20 -5.74 17.79 -1.65
CA MET A 20 -6.81 17.19 -2.46
C MET A 20 -7.34 18.15 -3.52
N GLN A 21 -7.76 17.59 -4.66
CA GLN A 21 -8.61 18.32 -5.61
C GLN A 21 -9.81 17.42 -5.94
N GLY A 22 -10.90 18.04 -6.35
CA GLY A 22 -12.09 17.24 -6.68
C GLY A 22 -13.11 18.09 -7.39
N THR A 23 -14.31 17.55 -7.52
CA THR A 23 -15.45 18.30 -8.02
C THR A 23 -16.60 18.22 -7.01
N ALA A 24 -17.53 19.16 -7.12
CA ALA A 24 -18.73 19.19 -6.28
C ALA A 24 -19.66 20.20 -6.86
N GLU A 25 -20.88 20.27 -6.32
CA GLU A 25 -21.88 21.19 -6.82
C GLU A 25 -21.37 22.61 -6.59
N ALA A 26 -21.30 23.38 -7.68
CA ALA A 26 -20.89 24.81 -7.64
C ALA A 26 -21.68 25.57 -6.60
N LYS A 27 -20.99 26.42 -5.83
CA LYS A 27 -21.62 27.24 -4.77
C LYS A 27 -22.03 26.51 -3.49
N SER A 28 -21.88 25.18 -3.44
CA SER A 28 -22.26 24.44 -2.23
C SER A 28 -21.16 24.53 -1.16
N GLN A 29 -21.49 24.13 0.07
CA GLN A 29 -20.50 24.04 1.16
C GLN A 29 -19.92 22.64 1.15
N LEU A 30 -18.60 22.54 1.06
CA LEU A 30 -17.91 21.27 1.22
C LEU A 30 -17.43 21.19 2.66
N ILE A 31 -17.86 20.16 3.37
CA ILE A 31 -17.48 20.02 4.77
C ILE A 31 -16.60 18.81 4.95
N ILE A 32 -15.39 19.03 5.50
CA ILE A 32 -14.46 17.95 5.77
C ILE A 32 -14.36 17.79 7.29
N THR A 33 -14.70 16.62 7.81
CA THR A 33 -14.59 16.35 9.24
C THR A 33 -13.62 15.21 9.46
N ASP A 34 -12.64 15.44 10.31
CA ASP A 34 -11.59 14.42 10.55
C ASP A 34 -11.82 13.65 11.86
N SER A 35 -11.02 12.61 12.09
CA SER A 35 -11.12 11.75 13.26
C SER A 35 -10.89 12.47 14.59
N GLU A 36 -10.35 13.69 14.52
CA GLU A 36 -10.01 14.46 15.72
C GLU A 36 -11.08 15.50 16.03
N GLY A 37 -12.21 15.42 15.32
CA GLY A 37 -13.30 16.36 15.48
C GLY A 37 -13.05 17.73 14.88
N ASN A 38 -11.97 17.90 14.12
CA ASN A 38 -11.79 19.16 13.42
C ASN A 38 -12.75 19.18 12.23
N THR A 39 -13.16 20.37 11.82
CA THR A 39 -14.03 20.57 10.66
C THR A 39 -13.49 21.70 9.82
N TYR A 40 -13.33 21.42 8.53
CA TYR A 40 -12.80 22.38 7.59
C TYR A 40 -13.88 22.55 6.53
N THR A 41 -14.41 23.76 6.41
CA THR A 41 -15.47 23.97 5.42
C THR A 41 -15.02 24.94 4.36
N LEU A 42 -15.43 24.68 3.12
CA LEU A 42 -15.07 25.59 2.06
C LEU A 42 -16.27 25.76 1.13
N THR A 43 -16.35 26.87 0.40
CA THR A 43 -17.39 27.13 -0.61
C THR A 43 -16.88 26.65 -1.96
N VAL A 44 -17.62 25.76 -2.61
CA VAL A 44 -17.16 25.26 -3.93
C VAL A 44 -17.25 26.36 -4.97
N PRO A 45 -16.14 26.61 -5.69
CA PRO A 45 -16.05 27.66 -6.72
C PRO A 45 -17.09 27.49 -7.82
N ASP A 46 -17.38 28.57 -8.54
CA ASP A 46 -18.37 28.56 -9.61
C ASP A 46 -18.16 27.49 -10.69
N ASN A 47 -16.91 27.17 -10.98
CA ASN A 47 -16.60 26.16 -12.01
C ASN A 47 -16.65 24.72 -11.48
N GLY A 48 -16.99 24.56 -10.20
CA GLY A 48 -17.26 23.24 -9.66
C GLY A 48 -16.05 22.42 -9.28
N LYS A 49 -14.84 22.96 -9.48
CA LYS A 49 -13.60 22.30 -9.01
C LYS A 49 -13.24 22.87 -7.68
N TRP A 50 -12.96 21.99 -6.73
CA TRP A 50 -12.45 22.45 -5.46
C TRP A 50 -11.03 21.93 -5.22
N SER A 51 -10.25 22.65 -4.41
CA SER A 51 -8.97 22.11 -3.92
C SER A 51 -8.87 22.45 -2.44
N MET A 52 -8.07 21.68 -1.70
CA MET A 52 -7.97 21.85 -0.27
C MET A 52 -6.68 21.21 0.26
N ALA A 53 -6.23 21.65 1.43
CA ALA A 53 -5.18 20.97 2.17
C ALA A 53 -5.63 20.93 3.61
N ILE A 54 -5.48 19.77 4.27
CA ILE A 54 -5.78 19.64 5.70
C ILE A 54 -4.61 18.97 6.42
N PRO A 55 -4.41 19.27 7.71
CA PRO A 55 -3.43 18.47 8.44
C PRO A 55 -3.79 16.99 8.45
N TYR A 56 -2.80 16.13 8.23
CA TYR A 56 -3.04 14.68 8.32
C TYR A 56 -3.64 14.34 9.69
N PRO A 57 -4.87 13.81 9.70
CA PRO A 57 -5.50 13.49 10.97
C PRO A 57 -5.11 12.14 11.51
N SER A 58 -5.24 11.98 12.83
CA SER A 58 -5.04 10.67 13.45
C SER A 58 -5.72 9.54 12.66
N GLU A 59 -4.92 8.52 12.33
CA GLU A 59 -5.33 7.31 11.60
C GLU A 59 -5.69 7.55 10.12
N GLY A 60 -5.39 8.74 9.59
CA GLY A 60 -5.70 9.06 8.18
C GLY A 60 -7.20 9.11 7.88
N LYS A 61 -8.01 9.40 8.90
CA LYS A 61 -9.46 9.26 8.79
C LYS A 61 -10.24 10.58 8.71
N PHE A 62 -11.05 10.73 7.67
CA PHE A 62 -11.88 11.92 7.50
C PHE A 62 -12.98 11.68 6.47
N THR A 63 -14.03 12.48 6.52
CA THR A 63 -15.12 12.34 5.58
C THR A 63 -15.46 13.68 4.97
N ILE A 64 -15.95 13.64 3.73
CA ILE A 64 -16.24 14.84 2.97
C ILE A 64 -17.73 14.78 2.59
N THR A 65 -18.46 15.87 2.81
CA THR A 65 -19.88 15.95 2.49
C THR A 65 -20.19 17.32 1.85
N SER A 66 -21.22 17.36 0.99
CA SER A 66 -21.67 18.59 0.37
C SER A 66 -22.99 19.00 1.02
N VAL A 67 -23.14 20.28 1.31
CA VAL A 67 -24.39 20.83 1.86
C VAL A 67 -24.78 22.04 1.02
N ASP A 68 -26.05 22.12 0.61
CA ASP A 68 -26.47 23.23 -0.24
C ASP A 68 -26.97 24.42 0.59
N ALA A 69 -27.38 25.50 -0.09
CA ALA A 69 -27.79 26.74 0.57
C ALA A 69 -29.06 26.57 1.42
N ILE A 70 -29.78 25.49 1.22
CA ILE A 70 -31.00 25.22 1.98
C ILE A 70 -30.76 24.21 3.11
N GLY A 71 -29.52 23.74 3.25
CA GLY A 71 -29.21 22.82 4.35
C GLY A 71 -29.41 21.34 4.02
N ASN A 72 -29.64 21.04 2.75
CA ASN A 72 -29.67 19.63 2.35
C ASN A 72 -28.25 19.08 2.16
N ARG A 73 -28.07 17.84 2.61
CA ARG A 73 -26.75 17.21 2.75
C ARG A 73 -26.61 16.04 1.77
N SER A 74 -25.45 15.94 1.10
CA SER A 74 -25.20 14.82 0.19
C SER A 74 -24.86 13.57 0.96
N ASP A 75 -24.75 12.45 0.26
CA ASP A 75 -24.07 11.27 0.78
C ASP A 75 -22.65 11.68 1.12
N ASP A 76 -22.13 11.10 2.19
CA ASP A 76 -20.78 11.40 2.62
C ASP A 76 -19.77 10.52 1.86
N VAL A 77 -18.52 10.99 1.80
CA VAL A 77 -17.41 10.27 1.18
C VAL A 77 -16.40 10.07 2.27
N PRO A 78 -16.37 8.86 2.85
CA PRO A 78 -15.43 8.50 3.91
C PRO A 78 -14.06 8.16 3.32
N LEU A 79 -13.01 8.77 3.85
CA LEU A 79 -11.65 8.36 3.48
C LEU A 79 -10.92 7.85 4.70
N ASP A 80 -10.03 6.89 4.47
CA ASP A 80 -9.21 6.30 5.52
C ASP A 80 -7.96 5.84 4.79
N ILE A 81 -6.93 6.65 4.90
CA ILE A 81 -5.64 6.41 4.25
C ILE A 81 -4.56 6.05 5.29
N MET A 82 -3.32 5.85 4.85
CA MET A 82 -2.24 5.54 5.79
C MET A 82 -0.95 6.11 5.22
N LYS A 83 -0.21 6.85 6.02
CA LYS A 83 0.96 7.45 5.42
C LYS A 83 2.29 6.84 5.86
N GLU A 84 2.32 6.25 7.05
CA GLU A 84 3.61 5.82 7.61
C GLU A 84 4.13 4.53 7.02
N VAL A 85 5.38 4.55 6.58
CA VAL A 85 6.07 3.35 6.10
C VAL A 85 6.73 2.70 7.33
N PRO A 86 6.42 1.44 7.61
CA PRO A 86 7.03 0.82 8.79
C PRO A 86 8.52 0.56 8.59
N VAL A 87 9.26 0.43 9.70
CA VAL A 87 10.70 0.18 9.70
C VAL A 87 10.93 -1.10 10.50
N ILE A 88 11.89 -1.92 10.08
CA ILE A 88 12.29 -3.05 10.90
C ILE A 88 13.81 -3.02 11.11
N SER A 89 14.28 -3.49 12.27
CA SER A 89 15.73 -3.53 12.47
C SER A 89 16.07 -4.61 13.46
N LEU A 90 17.33 -5.05 13.40
CA LEU A 90 17.87 -6.04 14.33
C LEU A 90 18.09 -5.35 15.68
N SER A 91 17.53 -5.92 16.74
CA SER A 91 17.69 -5.34 18.08
C SER A 91 19.17 -5.31 18.45
N PRO A 92 19.65 -4.19 19.04
CA PRO A 92 21.06 -4.17 19.44
C PRO A 92 21.39 -5.36 20.34
N ASP A 93 20.46 -5.70 21.22
CA ASP A 93 20.59 -6.85 22.12
C ASP A 93 20.71 -8.23 21.43
N SER A 94 20.43 -8.28 20.12
CA SER A 94 20.58 -9.51 19.35
C SER A 94 21.65 -9.41 18.27
N ASP A 95 22.52 -8.39 18.37
CA ASP A 95 23.54 -8.13 17.35
C ASP A 95 24.92 -8.45 17.90
N SER A 96 25.34 -9.72 17.76
CA SER A 96 26.55 -10.21 18.40
C SER A 96 27.80 -9.72 17.66
N GLY A 97 28.97 -9.90 18.27
CA GLY A 97 30.23 -9.49 17.64
C GLY A 97 30.27 -8.03 17.20
N THR A 98 30.87 -7.78 16.04
CA THR A 98 30.93 -6.43 15.49
C THR A 98 29.51 -5.83 15.54
N VAL A 99 29.36 -4.62 16.08
CA VAL A 99 28.03 -4.06 16.25
C VAL A 99 27.57 -3.30 15.00
N GLY A 100 26.32 -3.53 14.58
CA GLY A 100 25.69 -2.77 13.49
C GLY A 100 25.90 -3.27 12.07
N ASP A 101 26.35 -4.52 11.93
CA ASP A 101 26.59 -5.13 10.61
C ASP A 101 25.53 -6.13 10.16
N ASN A 102 24.43 -6.21 10.91
CA ASN A 102 23.36 -7.18 10.66
C ASN A 102 23.83 -8.63 10.58
N ILE A 103 24.92 -8.97 11.28
CA ILE A 103 25.42 -10.34 11.32
C ILE A 103 25.37 -10.72 12.79
N THR A 104 24.78 -11.88 13.11
CA THR A 104 24.70 -12.30 14.53
C THR A 104 24.75 -13.81 14.70
N ARG A 105 25.31 -14.22 15.84
CA ARG A 105 25.27 -15.62 16.25
C ARG A 105 23.96 -16.01 16.95
N ASP A 106 23.16 -15.03 17.39
CA ASP A 106 21.82 -15.31 17.99
C ASP A 106 20.92 -15.95 16.93
N LYS A 107 20.50 -17.20 17.17
CA LYS A 107 19.68 -17.95 16.20
C LYS A 107 18.19 -17.59 16.30
N GLN A 108 17.82 -16.87 17.35
CA GLN A 108 16.47 -16.36 17.49
C GLN A 108 16.54 -14.86 17.79
N PRO A 109 17.07 -14.09 16.83
CA PRO A 109 17.23 -12.66 17.05
C PRO A 109 15.86 -11.96 17.17
N THR A 110 15.86 -10.85 17.87
CA THR A 110 14.68 -10.01 18.04
C THR A 110 14.77 -8.85 17.04
N PHE A 111 13.71 -8.69 16.27
CA PHE A 111 13.63 -7.58 15.33
C PHE A 111 12.66 -6.58 15.90
N ILE A 112 13.03 -5.32 15.85
CA ILE A 112 12.24 -4.23 16.39
C ILE A 112 11.46 -3.59 15.25
N ILE A 113 10.17 -3.32 15.46
CA ILE A 113 9.31 -2.76 14.39
C ILE A 113 8.93 -1.38 14.86
N GLY A 114 9.00 -0.40 13.97
CA GLY A 114 8.63 0.97 14.35
C GLY A 114 7.86 1.68 13.26
N ASN A 115 7.35 2.86 13.61
CA ASN A 115 6.58 3.71 12.69
C ASN A 115 5.26 3.13 12.18
N LEU A 116 4.41 2.78 13.13
CA LEU A 116 3.13 2.20 12.85
C LEU A 116 2.09 3.16 13.36
N GLU A 117 0.97 3.23 12.65
CA GLU A 117 -0.13 4.07 13.07
C GLU A 117 -1.08 3.31 13.98
N SER A 118 -1.91 4.05 14.72
CA SER A 118 -2.70 3.45 15.79
C SER A 118 -3.82 2.56 15.28
N ASP A 119 -4.18 2.69 14.00
CA ASP A 119 -5.24 1.86 13.47
C ASP A 119 -4.76 0.58 12.74
N VAL A 120 -3.48 0.25 12.88
CA VAL A 120 -2.90 -0.96 12.32
C VAL A 120 -3.58 -2.23 12.87
N VAL A 121 -3.99 -3.10 11.96
CA VAL A 121 -4.60 -4.42 12.31
C VAL A 121 -3.80 -5.64 11.84
N VAL A 122 -2.80 -5.42 10.99
CA VAL A 122 -1.94 -6.49 10.49
C VAL A 122 -0.50 -5.97 10.60
N VAL A 123 0.38 -6.71 11.28
CA VAL A 123 1.81 -6.40 11.33
C VAL A 123 2.52 -7.71 11.01
N GLN A 124 3.12 -7.80 9.83
CA GLN A 124 3.65 -9.07 9.37
C GLN A 124 5.14 -8.92 9.14
N VAL A 125 5.91 -9.98 9.34
CA VAL A 125 7.34 -9.95 9.04
C VAL A 125 7.56 -11.03 7.99
N ASP A 126 8.05 -10.63 6.81
CA ASP A 126 8.35 -11.57 5.75
C ASP A 126 9.83 -11.93 5.90
N ILE A 127 10.10 -13.22 6.10
CA ILE A 127 11.47 -13.80 6.18
C ILE A 127 11.70 -14.77 5.00
N ASN A 128 12.49 -14.33 4.03
CA ASN A 128 12.78 -15.15 2.85
C ASN A 128 11.51 -15.75 2.23
N GLY A 129 10.45 -14.94 2.16
CA GLY A 129 9.20 -15.36 1.51
C GLY A 129 8.09 -15.90 2.39
N THR A 130 8.39 -16.26 3.64
CA THR A 130 7.32 -16.70 4.59
C THR A 130 6.98 -15.60 5.61
N VAL A 131 5.69 -15.25 5.69
CA VAL A 131 5.22 -14.26 6.63
C VAL A 131 4.88 -14.89 8.00
N TYR A 132 5.27 -14.19 9.06
CA TYR A 132 4.84 -14.49 10.41
C TYR A 132 4.25 -13.23 11.00
N ASN A 133 3.28 -13.36 11.90
CA ASN A 133 2.71 -12.19 12.57
C ASN A 133 3.60 -11.66 13.67
N ALA A 134 3.73 -10.34 13.76
CA ALA A 134 4.52 -9.72 14.81
C ALA A 134 3.69 -9.72 16.09
N GLU A 135 4.38 -9.45 17.20
CA GLU A 135 3.80 -9.41 18.55
C GLU A 135 4.05 -8.01 19.11
N LYS A 136 3.31 -7.67 20.16
CA LYS A 136 3.46 -6.38 20.81
C LYS A 136 3.89 -6.69 22.25
N ASN A 137 4.97 -6.10 22.73
CA ASN A 137 5.33 -6.32 24.13
C ASN A 137 4.46 -5.49 25.09
N ALA A 138 4.65 -5.66 26.40
CA ALA A 138 3.79 -4.95 27.37
C ALA A 138 3.90 -3.41 27.34
N ASP A 139 5.04 -2.91 26.87
CA ASP A 139 5.26 -1.46 26.72
C ASP A 139 4.63 -0.89 25.44
N GLY A 140 4.20 -1.77 24.54
CA GLY A 140 3.55 -1.34 23.31
C GLY A 140 4.43 -1.37 22.06
N VAL A 141 5.67 -1.85 22.19
CA VAL A 141 6.61 -1.94 21.06
C VAL A 141 6.36 -3.23 20.25
N TRP A 142 6.21 -3.10 18.93
CA TRP A 142 6.01 -4.28 18.08
C TRP A 142 7.37 -4.91 17.78
N PHE A 143 7.40 -6.23 17.75
CA PHE A 143 8.65 -6.92 17.48
C PHE A 143 8.34 -8.29 16.90
N PHE A 144 9.37 -8.95 16.37
CA PHE A 144 9.26 -10.35 16.03
C PHE A 144 10.55 -11.06 16.43
N THR A 145 10.38 -12.18 17.11
CA THR A 145 11.48 -13.09 17.43
C THR A 145 11.06 -14.48 16.97
N PRO A 146 11.91 -15.19 16.22
CA PRO A 146 11.40 -16.46 15.70
C PRO A 146 11.23 -17.44 16.85
N GLY A 147 10.27 -18.35 16.73
CA GLY A 147 9.94 -19.26 17.84
C GLY A 147 10.90 -20.44 17.94
N THR A 148 11.56 -20.71 16.81
CA THR A 148 12.53 -21.78 16.68
C THR A 148 13.82 -21.23 16.02
N PRO A 149 14.98 -21.65 16.53
CA PRO A 149 16.27 -21.23 15.97
C PRO A 149 16.34 -21.21 14.45
N LEU A 150 16.87 -20.11 13.91
CA LEU A 150 17.17 -20.02 12.49
C LEU A 150 18.44 -20.81 12.15
N ALA A 151 18.41 -21.49 11.01
CA ALA A 151 19.61 -22.08 10.41
C ALA A 151 20.58 -20.94 10.03
N ASP A 152 21.88 -21.24 10.05
CA ASP A 152 22.90 -20.31 9.54
C ASP A 152 22.61 -19.93 8.10
N GLY A 153 22.80 -18.67 7.74
CA GLY A 153 22.54 -18.22 6.37
C GLY A 153 22.11 -16.78 6.30
N SER A 154 21.68 -16.36 5.12
CA SER A 154 21.29 -14.97 4.82
C SER A 154 19.78 -14.84 4.75
N TYR A 155 19.24 -13.81 5.42
CA TYR A 155 17.80 -13.69 5.58
C TYR A 155 17.39 -12.30 5.13
N THR A 156 16.58 -12.24 4.09
CA THR A 156 16.01 -10.96 3.72
C THR A 156 14.69 -10.80 4.45
N ILE A 157 14.60 -9.69 5.16
CA ILE A 157 13.50 -9.49 6.04
C ILE A 157 12.82 -8.16 5.77
N SER A 158 11.48 -8.17 5.73
CA SER A 158 10.77 -6.88 5.70
C SER A 158 9.52 -6.97 6.57
N VAL A 159 8.93 -5.83 6.86
CA VAL A 159 7.71 -5.79 7.64
C VAL A 159 6.64 -5.10 6.81
N ILE A 160 5.43 -5.63 6.94
CA ILE A 160 4.28 -5.13 6.22
C ILE A 160 3.19 -4.80 7.22
N ALA A 161 2.65 -3.60 7.12
CA ALA A 161 1.60 -3.14 8.01
C ALA A 161 0.36 -2.79 7.25
N SER A 162 -0.79 -3.13 7.84
CA SER A 162 -2.10 -2.79 7.28
C SER A 162 -3.04 -2.25 8.33
N ASP A 163 -3.80 -1.22 7.97
CA ASP A 163 -4.85 -0.72 8.88
C ASP A 163 -6.17 -1.43 8.68
N ALA A 164 -7.17 -1.08 9.50
CA ALA A 164 -8.51 -1.68 9.48
C ALA A 164 -9.21 -1.45 8.15
N ALA A 165 -8.87 -0.35 7.50
CA ALA A 165 -9.48 0.03 6.22
C ALA A 165 -8.90 -0.78 5.07
N GLY A 166 -7.73 -1.39 5.30
CA GLY A 166 -7.12 -2.22 4.28
C GLY A 166 -5.91 -1.60 3.60
N ASN A 167 -5.53 -0.38 3.97
CA ASN A 167 -4.29 0.23 3.43
C ASN A 167 -3.07 -0.51 3.88
N GLN A 168 -2.11 -0.68 2.99
CA GLN A 168 -0.96 -1.50 3.32
C GLN A 168 0.33 -0.83 2.88
N LYS A 169 1.32 -0.80 3.77
CA LYS A 169 2.65 -0.28 3.47
C LYS A 169 3.71 -1.33 3.76
N ASN A 170 4.73 -1.40 2.90
CA ASN A 170 5.82 -2.37 2.99
C ASN A 170 7.12 -1.65 3.32
N SER A 171 7.86 -2.14 4.31
CA SER A 171 9.14 -1.54 4.64
C SER A 171 10.19 -1.78 3.56
N LEU A 172 11.26 -0.99 3.62
CA LEU A 172 12.51 -1.36 3.00
C LEU A 172 13.02 -2.64 3.62
N PRO A 173 13.76 -3.46 2.84
CA PRO A 173 14.22 -4.73 3.41
C PRO A 173 15.49 -4.53 4.25
N ILE A 174 15.78 -5.47 5.14
CA ILE A 174 17.12 -5.59 5.71
C ILE A 174 17.64 -6.98 5.35
N THR A 175 18.95 -7.19 5.49
CA THR A 175 19.59 -8.44 5.15
C THR A 175 20.34 -8.86 6.41
N VAL A 176 19.88 -9.91 7.09
CA VAL A 176 20.52 -10.34 8.32
C VAL A 176 21.19 -11.71 8.11
N THR A 177 22.41 -11.84 8.59
CA THR A 177 23.16 -13.09 8.45
C THR A 177 23.26 -13.76 9.80
N ILE A 178 22.82 -15.01 9.87
CA ILE A 178 22.96 -15.82 11.06
C ILE A 178 24.24 -16.67 10.89
N ASP A 179 25.15 -16.55 11.84
CA ASP A 179 26.43 -17.22 11.75
C ASP A 179 26.74 -17.68 13.16
N SER A 180 26.52 -18.97 13.38
CA SER A 180 26.84 -19.60 14.65
C SER A 180 27.95 -20.66 14.45
N THR A 181 28.57 -20.66 13.26
CA THR A 181 29.54 -21.72 12.88
C THR A 181 30.97 -21.21 12.91
N LEU A 182 31.88 -22.01 13.48
CA LEU A 182 33.29 -21.66 13.44
C LEU A 182 34.12 -22.94 13.58
N THR A 183 34.98 -23.20 12.61
CA THR A 183 35.84 -24.37 12.60
C THR A 183 36.80 -24.28 13.79
N VAL A 184 36.97 -25.40 14.49
CA VAL A 184 38.01 -25.52 15.52
C VAL A 184 39.39 -25.46 14.85
N PRO A 185 40.23 -24.52 15.28
CA PRO A 185 41.52 -24.29 14.64
C PRO A 185 42.58 -25.30 15.09
N GLU A 186 43.81 -25.18 14.58
CA GLU A 186 44.86 -26.12 14.90
C GLU A 186 46.20 -25.40 15.01
N ILE A 187 46.94 -25.70 16.07
CA ILE A 187 48.32 -25.22 16.22
C ILE A 187 49.29 -26.41 16.09
N ALA A 188 50.36 -26.23 15.33
CA ALA A 188 51.42 -27.25 15.21
C ALA A 188 52.78 -26.57 15.13
N LEU A 189 53.83 -27.32 15.40
CA LEU A 189 55.17 -26.79 15.13
C LEU A 189 55.32 -26.73 13.61
N ALA A 190 55.84 -25.63 13.10
CA ALA A 190 56.03 -25.48 11.64
C ALA A 190 57.16 -26.41 11.15
N ALA A 191 57.24 -26.55 9.82
CA ALA A 191 58.35 -27.25 9.13
C ALA A 191 59.71 -26.89 9.71
N GLY A 192 60.51 -27.91 9.98
CA GLY A 192 61.87 -27.74 10.49
C GLY A 192 61.98 -27.37 11.96
N GLU A 193 60.85 -27.17 12.63
CA GLU A 193 60.88 -26.71 14.05
C GLU A 193 60.83 -27.88 15.02
N ASP A 194 60.06 -28.92 14.69
CA ASP A 194 60.13 -30.17 15.44
C ASP A 194 61.38 -30.91 14.95
N ASN A 195 62.53 -30.56 15.55
CA ASN A 195 63.85 -30.98 15.07
C ASN A 195 64.59 -31.97 16.00
N GLY A 196 65.92 -32.02 15.91
CA GLY A 196 66.70 -32.89 16.78
C GLY A 196 66.60 -34.33 16.34
N ALA A 197 66.25 -35.22 17.27
CA ALA A 197 66.13 -36.65 17.00
C ALA A 197 64.92 -37.01 16.14
N SER A 198 63.73 -36.61 16.58
CA SER A 198 62.47 -36.98 15.91
C SER A 198 61.70 -35.78 15.38
N ASP A 199 61.13 -35.93 14.18
CA ASP A 199 60.34 -34.88 13.55
C ASP A 199 58.88 -34.87 14.05
N SER A 200 58.55 -35.79 14.96
CA SER A 200 57.17 -36.07 15.40
C SER A 200 56.93 -36.01 16.92
N ASP A 201 57.99 -35.85 17.70
CA ASP A 201 57.88 -35.93 19.15
C ASP A 201 57.52 -34.63 19.86
N ASN A 202 57.48 -33.52 19.12
CA ASN A 202 57.20 -32.19 19.69
C ASN A 202 58.24 -31.73 20.73
N VAL A 203 59.46 -32.27 20.60
CA VAL A 203 60.62 -31.77 21.32
C VAL A 203 61.46 -30.97 20.32
N THR A 204 61.68 -29.70 20.64
CA THR A 204 62.46 -28.81 19.77
C THR A 204 63.69 -28.34 20.51
N ASN A 205 64.75 -28.03 19.77
CA ASN A 205 65.90 -27.37 20.37
C ASN A 205 65.92 -25.86 20.11
N HIS A 206 64.89 -25.37 19.43
CA HIS A 206 64.73 -23.91 19.27
C HIS A 206 64.10 -23.34 20.52
N THR A 207 64.66 -22.22 21.01
CA THR A 207 64.11 -21.51 22.17
C THR A 207 62.96 -20.55 21.78
N GLN A 208 62.82 -20.27 20.47
CA GLN A 208 61.65 -19.55 19.97
C GLN A 208 61.09 -20.30 18.77
N PRO A 209 60.50 -21.50 19.02
CA PRO A 209 59.94 -22.30 17.93
C PRO A 209 58.81 -21.59 17.21
N LYS A 210 58.76 -21.72 15.89
CA LYS A 210 57.68 -21.13 15.13
C LYS A 210 56.54 -22.16 15.06
N PHE A 211 55.31 -21.67 15.21
CA PHE A 211 54.12 -22.51 15.07
C PHE A 211 53.27 -22.01 13.92
N THR A 212 52.70 -22.98 13.20
CA THR A 212 51.74 -22.75 12.13
C THR A 212 50.33 -22.85 12.74
N LEU A 213 49.45 -21.94 12.34
CA LEU A 213 48.08 -21.93 12.82
C LEU A 213 47.21 -22.22 11.61
N GLN A 214 46.43 -23.30 11.70
CA GLN A 214 45.70 -23.81 10.55
C GLN A 214 44.21 -23.95 10.83
N HIS A 215 43.43 -24.13 9.75
CA HIS A 215 41.96 -24.26 9.84
C HIS A 215 41.36 -23.02 10.50
N ILE A 216 41.80 -21.86 10.00
CA ILE A 216 41.32 -20.54 10.47
C ILE A 216 40.32 -20.08 9.40
N ASP A 217 39.04 -20.04 9.77
CA ASP A 217 37.98 -19.60 8.82
C ASP A 217 38.25 -18.19 8.29
N ALA A 218 37.83 -17.93 7.05
CA ALA A 218 38.08 -16.63 6.42
C ALA A 218 37.46 -15.42 7.15
N ASP A 219 36.43 -15.64 7.98
CA ASP A 219 35.75 -14.56 8.73
C ASP A 219 36.27 -14.42 10.18
N VAL A 220 37.45 -14.95 10.45
CA VAL A 220 38.10 -14.75 11.73
C VAL A 220 38.65 -13.32 11.86
N THR A 221 38.38 -12.68 13.00
CA THR A 221 38.75 -11.30 13.24
C THR A 221 39.77 -11.17 14.39
N GLY A 222 39.96 -12.26 15.12
CA GLY A 222 40.88 -12.27 16.28
C GLY A 222 41.52 -13.64 16.37
N VAL A 223 42.84 -13.67 16.50
CA VAL A 223 43.58 -14.92 16.67
C VAL A 223 44.59 -14.75 17.82
N THR A 224 44.47 -15.61 18.82
CA THR A 224 45.40 -15.56 19.96
C THR A 224 45.98 -16.95 20.26
N VAL A 225 47.15 -17.00 20.91
CA VAL A 225 47.73 -18.27 21.34
C VAL A 225 47.86 -18.28 22.86
N ASN A 226 47.40 -19.36 23.46
CA ASN A 226 47.43 -19.54 24.91
C ASN A 226 48.64 -20.44 25.23
N VAL A 227 49.56 -19.90 26.01
CA VAL A 227 50.80 -20.61 26.34
C VAL A 227 50.79 -20.88 27.85
N THR A 228 50.75 -22.16 28.21
CA THR A 228 50.74 -22.57 29.61
C THR A 228 52.10 -23.16 29.95
N HIS A 229 52.72 -22.58 30.98
CA HIS A 229 54.02 -22.98 31.49
C HIS A 229 54.00 -22.83 33.01
N ASN A 230 54.51 -23.83 33.71
CA ASN A 230 54.57 -23.81 35.18
C ASN A 230 53.18 -23.63 35.79
N GLY A 231 52.18 -24.15 35.06
CA GLY A 231 50.80 -24.13 35.51
C GLY A 231 50.02 -22.86 35.23
N VAL A 232 50.70 -21.85 34.68
CA VAL A 232 50.11 -20.54 34.44
C VAL A 232 49.98 -20.23 32.94
N THR A 233 48.82 -19.72 32.54
CA THR A 233 48.57 -19.40 31.13
C THR A 233 48.75 -17.93 30.79
N ASP A 234 49.56 -17.68 29.76
CA ASP A 234 49.75 -16.36 29.15
C ASP A 234 49.02 -16.33 27.79
N ILE A 235 48.47 -15.17 27.41
CA ILE A 235 47.80 -15.00 26.12
C ILE A 235 48.58 -14.06 25.17
N TYR A 236 48.87 -14.58 23.99
CA TYR A 236 49.62 -13.84 22.96
C TYR A 236 48.76 -13.60 21.71
N GLN A 237 49.01 -12.49 21.03
CA GLN A 237 48.36 -12.20 19.75
C GLN A 237 49.15 -12.87 18.64
N ALA A 238 48.46 -13.63 17.80
CA ALA A 238 49.10 -14.29 16.66
C ALA A 238 49.41 -13.26 15.58
N THR A 239 50.26 -13.64 14.64
CA THR A 239 50.67 -12.74 13.57
C THR A 239 50.23 -13.30 12.21
N GLN A 240 49.51 -12.49 11.43
CA GLN A 240 49.16 -12.88 10.07
C GLN A 240 50.21 -12.39 9.08
N GLY A 241 50.89 -13.35 8.45
CA GLY A 241 51.97 -13.03 7.53
C GLY A 241 51.71 -13.54 6.13
N ALA A 242 52.74 -13.45 5.28
CA ALA A 242 52.71 -13.90 3.90
C ALA A 242 52.40 -15.41 3.78
N ASP A 243 52.72 -16.15 4.83
CA ASP A 243 52.47 -17.59 4.89
C ASP A 243 51.19 -17.91 5.68
N GLY A 244 50.41 -16.88 6.00
CA GLY A 244 49.21 -17.05 6.81
C GLY A 244 49.46 -16.74 8.28
N TRP A 245 48.72 -17.44 9.14
CA TRP A 245 48.73 -17.18 10.58
C TRP A 245 49.80 -18.01 11.24
N THR A 246 50.69 -17.35 11.97
CA THR A 246 51.73 -18.07 12.71
C THR A 246 51.93 -17.45 14.10
N PHE A 247 52.74 -18.12 14.92
CA PHE A 247 53.12 -17.57 16.22
C PHE A 247 54.52 -18.04 16.59
N THR A 248 55.37 -17.08 16.91
CA THR A 248 56.69 -17.33 17.45
C THR A 248 56.79 -16.59 18.79
N PRO A 249 57.25 -17.28 19.87
CA PRO A 249 57.35 -16.58 21.15
C PRO A 249 58.19 -15.32 20.99
N PRO A 250 57.76 -14.21 21.63
CA PRO A 250 58.39 -12.88 21.50
C PRO A 250 59.76 -12.77 22.21
N ALA A 251 60.06 -13.75 23.08
CA ALA A 251 61.35 -13.81 23.77
C ALA A 251 61.65 -15.27 24.05
N ALA A 252 62.93 -15.58 24.25
CA ALA A 252 63.40 -16.96 24.31
C ALA A 252 62.79 -17.75 25.46
N TRP A 253 62.41 -18.99 25.18
CA TRP A 253 61.89 -19.90 26.19
C TRP A 253 62.99 -20.72 26.86
N ASN A 254 62.81 -20.92 28.17
CA ASN A 254 63.65 -21.81 28.95
C ASN A 254 63.36 -23.25 28.60
N ASP A 255 64.34 -24.14 28.76
CA ASP A 255 64.10 -25.59 28.62
C ASP A 255 62.97 -26.01 29.55
N GLY A 256 62.08 -26.87 29.07
CA GLY A 256 60.94 -27.29 29.87
C GLY A 256 59.74 -27.60 29.02
N ASN A 257 58.59 -27.77 29.69
CA ASN A 257 57.36 -28.17 29.02
C ASN A 257 56.36 -27.05 28.87
N TYR A 258 55.86 -26.90 27.65
CA TYR A 258 54.87 -25.87 27.35
C TYR A 258 53.63 -26.51 26.76
N THR A 259 52.50 -25.87 27.00
CA THR A 259 51.21 -26.29 26.44
C THR A 259 50.66 -25.11 25.65
N LEU A 260 50.24 -25.39 24.42
CA LEU A 260 49.77 -24.36 23.52
C LEU A 260 48.42 -24.73 22.95
N SER A 261 47.60 -23.70 22.80
CA SER A 261 46.36 -23.81 22.00
C SER A 261 46.13 -22.46 21.28
N VAL A 262 45.44 -22.51 20.15
CA VAL A 262 45.07 -21.26 19.48
C VAL A 262 43.55 -21.05 19.68
N THR A 263 43.17 -19.79 19.89
CA THR A 263 41.76 -19.36 19.96
C THR A 263 41.43 -18.36 18.84
N VAL A 264 40.34 -18.63 18.14
CA VAL A 264 39.86 -17.79 17.04
C VAL A 264 38.50 -17.23 17.42
N VAL A 265 38.28 -15.98 17.05
CA VAL A 265 36.96 -15.37 17.16
C VAL A 265 36.59 -14.83 15.78
N ASP A 266 35.36 -15.09 15.36
CA ASP A 266 34.90 -14.63 14.04
C ASP A 266 34.14 -13.32 14.21
N ARG A 267 33.73 -12.70 13.09
CA ARG A 267 33.05 -11.39 13.15
C ARG A 267 31.71 -11.44 13.89
N ALA A 268 31.08 -12.61 13.93
CA ALA A 268 29.82 -12.81 14.66
C ALA A 268 30.02 -13.00 16.18
N GLY A 269 31.28 -13.07 16.61
CA GLY A 269 31.57 -13.27 18.03
C GLY A 269 31.61 -14.73 18.49
N ASN A 270 31.50 -15.67 17.55
CA ASN A 270 31.75 -17.08 17.86
C ASN A 270 33.21 -17.25 18.29
N SER A 271 33.47 -18.19 19.17
CA SER A 271 34.85 -18.47 19.58
C SER A 271 35.14 -19.98 19.60
N GLN A 272 36.33 -20.37 19.17
CA GLN A 272 36.76 -21.77 19.25
C GLN A 272 38.20 -21.83 19.72
N GLN A 273 38.48 -22.81 20.57
CA GLN A 273 39.86 -23.09 21.04
C GLN A 273 40.33 -24.42 20.45
N SER A 274 41.55 -24.46 19.95
CA SER A 274 42.12 -25.69 19.40
C SER A 274 42.33 -26.72 20.53
N ALA A 275 42.55 -27.97 20.13
CA ALA A 275 43.18 -28.95 21.02
C ALA A 275 44.52 -28.41 21.51
N SER A 276 44.94 -28.82 22.71
CA SER A 276 46.19 -28.33 23.21
C SER A 276 47.36 -29.12 22.61
N LEU A 277 48.51 -28.46 22.52
CA LEU A 277 49.72 -29.04 21.99
C LEU A 277 50.82 -28.95 23.05
N ALA A 278 51.34 -30.10 23.47
CA ALA A 278 52.42 -30.14 24.45
C ALA A 278 53.77 -30.18 23.76
N VAL A 279 54.56 -29.15 23.98
CA VAL A 279 55.89 -29.18 23.39
C VAL A 279 56.95 -29.10 24.48
N THR A 280 58.08 -29.75 24.21
CA THR A 280 59.24 -29.65 25.10
C THR A 280 60.35 -28.87 24.37
N VAL A 281 60.89 -27.88 25.08
CA VAL A 281 62.10 -27.20 24.64
C VAL A 281 63.29 -27.88 25.33
N ASP A 282 64.22 -28.36 24.51
CA ASP A 282 65.44 -28.97 25.01
C ASP A 282 66.61 -28.44 24.18
N SER A 283 67.25 -27.39 24.68
CA SER A 283 68.33 -26.71 23.96
C SER A 283 69.72 -27.05 24.52
N THR B 1 36.95 -12.11 2.63
CA THR B 1 35.44 -12.17 2.67
C THR B 1 34.81 -11.02 1.84
N PRO B 2 33.74 -11.30 1.09
CA PRO B 2 33.13 -10.25 0.24
C PRO B 2 32.50 -9.14 1.08
N PRO B 3 32.22 -7.95 0.49
CA PRO B 3 31.62 -6.95 1.36
C PRO B 3 30.23 -7.42 1.83
N ASN B 4 29.78 -6.97 3.00
CA ASN B 4 28.41 -7.15 3.44
C ASN B 4 27.44 -6.49 2.45
N ALA B 5 26.21 -6.99 2.37
CA ALA B 5 25.14 -6.35 1.57
C ALA B 5 25.01 -4.86 1.89
N PRO B 6 24.78 -4.03 0.86
CA PRO B 6 24.47 -2.65 1.15
C PRO B 6 23.07 -2.57 1.80
N VAL B 7 22.79 -1.49 2.49
CA VAL B 7 21.50 -1.35 3.17
C VAL B 7 20.85 -0.09 2.62
N VAL B 8 19.59 -0.19 2.18
CA VAL B 8 18.82 0.99 1.82
C VAL B 8 18.06 1.45 3.06
N THR B 9 18.27 2.69 3.48
CA THR B 9 17.61 3.20 4.69
C THR B 9 16.59 4.31 4.47
N TYR B 10 16.46 4.77 3.23
CA TYR B 10 15.52 5.80 2.88
C TYR B 10 15.16 5.65 1.40
N SER B 11 13.89 5.79 1.09
CA SER B 11 13.50 5.89 -0.31
C SER B 11 12.29 6.77 -0.42
N ASP B 12 12.22 7.46 -1.55
CA ASP B 12 11.09 8.30 -1.84
C ASP B 12 10.97 8.34 -3.36
N ILE B 13 9.77 8.54 -3.86
CA ILE B 13 9.61 8.77 -5.28
C ILE B 13 9.14 10.22 -5.51
N VAL B 14 9.91 10.97 -6.28
CA VAL B 14 9.58 12.36 -6.55
C VAL B 14 9.75 12.53 -8.05
N ASN B 15 8.65 12.79 -8.75
CA ASN B 15 8.68 13.03 -10.19
C ASN B 15 9.41 11.98 -11.00
N ASP B 16 8.94 10.74 -10.94
CA ASP B 16 9.52 9.65 -11.75
C ASP B 16 10.99 9.28 -11.42
N LEU B 17 11.52 9.83 -10.33
CA LEU B 17 12.85 9.44 -9.86
C LEU B 17 12.71 8.79 -8.49
N ILE B 18 13.46 7.71 -8.31
CA ILE B 18 13.54 7.08 -7.00
C ILE B 18 14.73 7.67 -6.29
N ILE B 19 14.52 8.22 -5.11
CA ILE B 19 15.60 8.82 -4.36
C ILE B 19 15.91 7.85 -3.23
N MET B 20 17.20 7.54 -3.04
CA MET B 20 17.60 6.57 -2.04
C MET B 20 18.79 7.04 -1.23
N GLN B 21 18.81 6.68 0.04
CA GLN B 21 20.02 6.81 0.88
C GLN B 21 20.20 5.47 1.56
N GLY B 22 21.45 5.14 1.90
CA GLY B 22 21.71 3.94 2.70
C GLY B 22 23.14 3.89 3.17
N THR B 23 23.57 2.70 3.59
CA THR B 23 24.95 2.48 4.02
C THR B 23 25.51 1.34 3.16
N ALA B 24 26.82 1.27 3.09
CA ALA B 24 27.52 0.20 2.41
C ALA B 24 29.01 0.32 2.74
N GLU B 25 29.80 -0.67 2.34
CA GLU B 25 31.23 -0.63 2.69
C GLU B 25 31.88 0.62 2.08
N ALA B 26 32.49 1.44 2.93
CA ALA B 26 33.24 2.63 2.48
C ALA B 26 34.18 2.26 1.34
N LYS B 27 34.20 3.11 0.31
CA LYS B 27 35.08 2.97 -0.87
C LYS B 27 34.71 1.89 -1.87
N SER B 28 33.71 1.04 -1.59
CA SER B 28 33.34 -0.01 -2.52
C SER B 28 32.52 0.60 -3.69
N GLN B 29 32.25 -0.21 -4.70
CA GLN B 29 31.38 0.21 -5.80
C GLN B 29 29.96 -0.26 -5.53
N LEU B 30 28.99 0.64 -5.56
CA LEU B 30 27.58 0.27 -5.45
C LEU B 30 27.01 0.14 -6.85
N ILE B 31 26.43 -1.02 -7.18
CA ILE B 31 25.90 -1.29 -8.52
C ILE B 31 24.40 -1.48 -8.45
N ILE B 32 23.68 -0.63 -9.17
CA ILE B 32 22.23 -0.68 -9.23
C ILE B 32 21.85 -1.08 -10.65
N THR B 33 21.17 -2.21 -10.77
CA THR B 33 20.72 -2.68 -12.07
C THR B 33 19.20 -2.74 -12.06
N ASP B 34 18.59 -2.12 -13.06
CA ASP B 34 17.13 -2.13 -13.15
C ASP B 34 16.52 -3.18 -14.10
N SER B 35 15.20 -3.23 -14.12
CA SER B 35 14.47 -4.21 -14.92
C SER B 35 14.62 -3.96 -16.43
N GLU B 36 15.19 -2.84 -16.81
CA GLU B 36 15.25 -2.45 -18.22
C GLU B 36 16.66 -2.65 -18.81
N GLY B 37 17.52 -3.34 -18.07
CA GLY B 37 18.91 -3.51 -18.48
C GLY B 37 19.82 -2.32 -18.14
N ASN B 38 19.29 -1.28 -17.49
CA ASN B 38 20.11 -0.14 -17.11
C ASN B 38 20.98 -0.46 -15.88
N THR B 39 22.20 0.10 -15.84
CA THR B 39 23.11 0.00 -14.69
C THR B 39 23.63 1.37 -14.27
N TYR B 40 23.56 1.63 -12.97
CA TYR B 40 24.03 2.87 -12.43
C TYR B 40 25.04 2.41 -11.39
N THR B 41 26.26 2.93 -11.45
CA THR B 41 27.27 2.64 -10.42
C THR B 41 27.88 3.89 -9.78
N LEU B 42 28.22 3.79 -8.50
CA LEU B 42 28.82 4.87 -7.78
C LEU B 42 29.86 4.35 -6.77
N THR B 43 30.73 5.23 -6.30
CA THR B 43 31.69 4.89 -5.26
C THR B 43 31.09 5.28 -3.90
N VAL B 44 30.99 4.31 -2.98
CA VAL B 44 30.48 4.62 -1.63
C VAL B 44 31.48 5.56 -0.97
N PRO B 45 31.00 6.70 -0.45
CA PRO B 45 31.89 7.65 0.25
C PRO B 45 32.61 7.05 1.47
N ASP B 46 33.60 7.79 1.93
CA ASP B 46 34.48 7.31 3.00
C ASP B 46 33.79 7.02 4.32
N ASN B 47 32.68 7.70 4.60
CA ASN B 47 31.93 7.41 5.83
C ASN B 47 30.97 6.23 5.68
N GLY B 48 30.88 5.67 4.48
CA GLY B 48 29.99 4.53 4.24
C GLY B 48 28.51 4.87 4.09
N LYS B 49 28.18 6.14 3.93
CA LYS B 49 26.79 6.54 3.72
C LYS B 49 26.69 7.02 2.28
N TRP B 50 25.71 6.50 1.56
CA TRP B 50 25.57 6.82 0.13
C TRP B 50 24.21 7.45 -0.14
N SER B 51 24.07 8.16 -1.27
CA SER B 51 22.77 8.64 -1.71
C SER B 51 22.75 8.55 -3.21
N MET B 52 21.57 8.36 -3.79
CA MET B 52 21.47 8.18 -5.24
C MET B 52 20.05 8.51 -5.72
N ALA B 53 19.92 8.81 -7.00
CA ALA B 53 18.61 8.98 -7.62
C ALA B 53 18.63 8.26 -8.96
N ILE B 54 17.62 7.44 -9.22
CA ILE B 54 17.53 6.76 -10.52
C ILE B 54 16.14 6.95 -11.12
N PRO B 55 16.03 6.98 -12.46
CA PRO B 55 14.67 6.98 -13.03
C PRO B 55 13.89 5.72 -12.60
N TYR B 56 12.60 5.87 -12.30
CA TYR B 56 11.75 4.72 -11.96
C TYR B 56 11.70 3.76 -13.13
N PRO B 57 12.17 2.51 -12.93
CA PRO B 57 12.23 1.52 -13.99
C PRO B 57 10.92 0.76 -14.11
N SER B 58 10.69 0.12 -15.26
CA SER B 58 9.55 -0.77 -15.44
C SER B 58 9.24 -1.63 -14.19
N GLU B 59 8.00 -1.57 -13.70
CA GLU B 59 7.50 -2.41 -12.59
C GLU B 59 8.15 -2.12 -11.23
N GLY B 60 8.89 -1.02 -11.17
CA GLY B 60 9.57 -0.62 -9.93
C GLY B 60 10.62 -1.60 -9.47
N LYS B 61 11.24 -2.32 -10.41
CA LYS B 61 12.21 -3.41 -10.11
C LYS B 61 13.67 -3.05 -10.36
N PHE B 62 14.49 -3.24 -9.31
CA PHE B 62 15.95 -3.06 -9.45
C PHE B 62 16.69 -3.81 -8.35
N THR B 63 17.98 -4.03 -8.52
CA THR B 63 18.75 -4.73 -7.50
C THR B 63 20.01 -3.93 -7.22
N ILE B 64 20.47 -3.99 -5.97
CA ILE B 64 21.65 -3.24 -5.57
C ILE B 64 22.66 -4.27 -5.04
N THR B 65 23.91 -4.10 -5.47
CA THR B 65 25.00 -4.96 -5.04
C THR B 65 26.23 -4.12 -4.66
N SER B 66 27.00 -4.56 -3.67
CA SER B 66 28.35 -4.01 -3.44
C SER B 66 29.46 -4.86 -4.07
N VAL B 67 30.43 -4.21 -4.71
CA VAL B 67 31.65 -4.85 -5.22
C VAL B 67 32.89 -4.13 -4.69
N ASP B 68 33.83 -4.85 -4.11
CA ASP B 68 35.04 -4.21 -3.60
C ASP B 68 36.11 -4.02 -4.70
N ALA B 69 37.18 -3.30 -4.35
CA ALA B 69 38.25 -2.93 -5.31
C ALA B 69 38.97 -4.14 -5.92
N ILE B 70 38.72 -5.33 -5.37
CA ILE B 70 39.34 -6.57 -5.84
C ILE B 70 38.32 -7.50 -6.52
N GLY B 71 37.13 -6.98 -6.83
CA GLY B 71 36.11 -7.73 -7.57
C GLY B 71 35.14 -8.65 -6.83
N ASN B 72 35.24 -8.73 -5.52
CA ASN B 72 34.34 -9.57 -4.75
C ASN B 72 32.96 -8.95 -4.61
N ARG B 73 31.91 -9.73 -4.84
CA ARG B 73 30.50 -9.23 -4.76
C ARG B 73 29.81 -9.54 -3.44
N SER B 74 29.04 -8.59 -2.91
CA SER B 74 28.14 -8.86 -1.79
C SER B 74 26.91 -9.66 -2.26
N ASP B 75 26.15 -10.15 -1.29
CA ASP B 75 24.73 -10.52 -1.48
C ASP B 75 24.06 -9.35 -2.22
N ASP B 76 23.15 -9.65 -3.14
CA ASP B 76 22.38 -8.61 -3.81
C ASP B 76 21.16 -8.24 -2.96
N VAL B 77 20.63 -7.04 -3.18
CA VAL B 77 19.44 -6.58 -2.48
C VAL B 77 18.40 -6.28 -3.56
N PRO B 78 17.44 -7.22 -3.78
CA PRO B 78 16.42 -7.04 -4.79
C PRO B 78 15.32 -6.15 -4.24
N LEU B 79 14.88 -5.19 -5.04
CA LEU B 79 13.82 -4.31 -4.61
C LEU B 79 12.73 -4.38 -5.68
N ASP B 80 11.49 -4.32 -5.23
CA ASP B 80 10.37 -4.32 -6.15
C ASP B 80 9.33 -3.45 -5.49
N ILE B 81 9.18 -2.22 -5.98
CA ILE B 81 8.24 -1.28 -5.39
C ILE B 81 7.07 -1.02 -6.36
N MET B 82 6.13 -0.15 -5.98
CA MET B 82 5.02 0.18 -6.89
C MET B 82 4.64 1.64 -6.68
N LYS B 83 4.39 2.38 -7.76
CA LYS B 83 4.08 3.77 -7.53
C LYS B 83 2.68 4.22 -7.96
N GLU B 84 2.07 3.50 -8.89
CA GLU B 84 0.84 4.00 -9.49
C GLU B 84 -0.35 3.71 -8.61
N VAL B 85 -1.17 4.73 -8.37
CA VAL B 85 -2.43 4.56 -7.66
C VAL B 85 -3.51 4.16 -8.68
N PRO B 86 -4.20 3.02 -8.44
CA PRO B 86 -5.18 2.57 -9.42
C PRO B 86 -6.42 3.49 -9.46
N VAL B 87 -7.14 3.47 -10.58
CA VAL B 87 -8.34 4.32 -10.70
C VAL B 87 -9.49 3.37 -11.04
N ILE B 88 -10.68 3.67 -10.52
CA ILE B 88 -11.89 2.94 -10.93
C ILE B 88 -12.94 3.91 -11.42
N SER B 89 -13.68 3.52 -12.44
CA SER B 89 -14.72 4.38 -12.95
C SER B 89 -15.91 3.58 -13.44
N LEU B 90 -17.07 4.22 -13.45
CA LEU B 90 -18.25 3.65 -14.06
C LEU B 90 -18.09 3.65 -15.61
N SER B 91 -18.26 2.49 -16.22
CA SER B 91 -18.16 2.41 -17.70
C SER B 91 -19.23 3.33 -18.32
N PRO B 92 -18.87 4.09 -19.38
CA PRO B 92 -19.89 4.92 -20.06
C PRO B 92 -21.08 4.11 -20.56
N ASP B 93 -20.87 2.84 -20.90
CA ASP B 93 -21.98 1.99 -21.33
C ASP B 93 -22.90 1.57 -20.18
N SER B 94 -22.45 1.72 -18.94
CA SER B 94 -23.31 1.46 -17.78
C SER B 94 -23.78 2.74 -17.11
N ASP B 95 -23.63 3.87 -17.78
CA ASP B 95 -23.94 5.19 -17.19
C ASP B 95 -25.17 5.77 -17.88
N SER B 96 -26.35 5.49 -17.34
CA SER B 96 -27.58 5.88 -18.01
C SER B 96 -27.96 7.33 -17.78
N GLY B 97 -28.93 7.80 -18.57
CA GLY B 97 -29.45 9.14 -18.45
C GLY B 97 -28.30 10.08 -18.75
N THR B 98 -28.20 11.16 -17.98
CA THR B 98 -27.07 12.10 -18.05
C THR B 98 -25.74 11.37 -17.92
N VAL B 99 -24.84 11.58 -18.86
CA VAL B 99 -23.55 10.91 -18.82
C VAL B 99 -22.60 11.75 -17.95
N GLY B 100 -21.84 11.08 -17.09
CA GLY B 100 -20.76 11.75 -16.35
C GLY B 100 -21.02 11.96 -14.88
N ASP B 101 -22.25 11.66 -14.44
CA ASP B 101 -22.68 12.04 -13.11
C ASP B 101 -22.61 10.92 -12.07
N ASN B 102 -22.15 9.72 -12.46
CA ASN B 102 -22.10 8.58 -11.55
C ASN B 102 -23.46 8.17 -10.96
N ILE B 103 -24.53 8.47 -11.71
CA ILE B 103 -25.87 7.99 -11.34
C ILE B 103 -26.30 7.12 -12.50
N THR B 104 -26.86 5.95 -12.23
CA THR B 104 -27.27 5.10 -13.34
C THR B 104 -28.41 4.21 -12.92
N ARG B 105 -29.24 3.79 -13.87
CA ARG B 105 -30.27 2.80 -13.57
C ARG B 105 -29.78 1.37 -13.78
N ASP B 106 -28.54 1.19 -14.23
CA ASP B 106 -27.99 -0.15 -14.40
C ASP B 106 -27.71 -0.72 -13.02
N LYS B 107 -28.51 -1.69 -12.60
CA LYS B 107 -28.33 -2.34 -11.27
C LYS B 107 -27.17 -3.31 -11.33
N GLN B 108 -26.65 -3.59 -12.52
CA GLN B 108 -25.41 -4.37 -12.61
C GLN B 108 -24.45 -3.62 -13.49
N PRO B 109 -23.95 -2.46 -12.98
CA PRO B 109 -23.10 -1.59 -13.77
C PRO B 109 -21.70 -2.19 -13.88
N THR B 110 -21.04 -1.94 -15.01
CA THR B 110 -19.67 -2.41 -15.18
C THR B 110 -18.73 -1.30 -14.76
N PHE B 111 -17.71 -1.65 -13.97
CA PHE B 111 -16.64 -0.71 -13.58
C PHE B 111 -15.37 -1.01 -14.35
N ILE B 112 -14.67 0.04 -14.76
CA ILE B 112 -13.42 -0.12 -15.49
C ILE B 112 -12.29 0.31 -14.56
N ILE B 113 -11.21 -0.43 -14.55
CA ILE B 113 -10.11 -0.11 -13.65
C ILE B 113 -8.92 0.24 -14.50
N GLY B 114 -8.23 1.32 -14.14
CA GLY B 114 -7.07 1.79 -14.86
C GLY B 114 -5.90 2.19 -14.00
N ASN B 115 -4.88 2.71 -14.67
CA ASN B 115 -3.60 3.12 -14.06
C ASN B 115 -2.92 2.00 -13.25
N LEU B 116 -2.79 0.84 -13.87
CA LEU B 116 -2.12 -0.31 -13.26
C LEU B 116 -0.78 -0.56 -13.93
N GLU B 117 0.25 -0.75 -13.13
CA GLU B 117 1.54 -1.14 -13.68
C GLU B 117 1.48 -2.57 -14.22
N SER B 118 2.42 -2.93 -15.08
CA SER B 118 2.37 -4.20 -15.78
C SER B 118 2.61 -5.46 -14.94
N ASP B 119 3.12 -5.29 -13.71
CA ASP B 119 3.29 -6.42 -12.78
C ASP B 119 2.15 -6.65 -11.79
N VAL B 120 1.07 -5.87 -11.92
CA VAL B 120 -0.11 -6.03 -11.08
C VAL B 120 -0.73 -7.43 -11.35
N VAL B 121 -0.93 -8.19 -10.28
CA VAL B 121 -1.50 -9.53 -10.42
C VAL B 121 -2.85 -9.73 -9.72
N VAL B 122 -3.23 -8.80 -8.84
CA VAL B 122 -4.43 -8.95 -8.03
C VAL B 122 -5.15 -7.61 -8.03
N VAL B 123 -6.44 -7.65 -8.36
CA VAL B 123 -7.23 -6.42 -8.47
C VAL B 123 -8.58 -6.76 -7.86
N GLN B 124 -8.93 -6.04 -6.81
CA GLN B 124 -10.15 -6.28 -6.09
C GLN B 124 -10.93 -4.98 -5.98
N VAL B 125 -12.24 -5.10 -5.90
CA VAL B 125 -13.11 -3.95 -5.79
C VAL B 125 -13.90 -4.04 -4.51
N ASP B 126 -13.87 -2.95 -3.76
CA ASP B 126 -14.56 -2.86 -2.47
C ASP B 126 -15.82 -2.03 -2.66
N ILE B 127 -16.98 -2.65 -2.46
CA ILE B 127 -18.28 -1.96 -2.55
C ILE B 127 -18.90 -1.91 -1.15
N ASN B 128 -18.88 -0.73 -0.53
CA ASN B 128 -19.36 -0.53 0.86
C ASN B 128 -18.84 -1.63 1.80
N GLY B 129 -17.58 -2.02 1.65
CA GLY B 129 -17.02 -3.04 2.55
C GLY B 129 -16.98 -4.46 2.01
N THR B 130 -17.91 -4.82 1.12
CA THR B 130 -17.89 -6.14 0.44
C THR B 130 -16.81 -6.11 -0.68
N VAL B 131 -15.87 -7.06 -0.64
CA VAL B 131 -14.75 -7.12 -1.60
C VAL B 131 -14.94 -8.24 -2.62
N TYR B 132 -14.70 -7.91 -3.89
CA TYR B 132 -14.91 -8.80 -5.03
C TYR B 132 -13.66 -8.82 -5.88
N ASN B 133 -13.42 -9.94 -6.55
CA ASN B 133 -12.34 -10.01 -7.51
C ASN B 133 -12.71 -9.37 -8.84
N ALA B 134 -11.83 -8.56 -9.37
CA ALA B 134 -12.02 -8.01 -10.71
C ALA B 134 -11.60 -9.06 -11.73
N GLU B 135 -12.00 -8.86 -12.98
CA GLU B 135 -11.77 -9.78 -14.09
C GLU B 135 -10.97 -9.01 -15.11
N LYS B 136 -10.21 -9.73 -15.92
CA LYS B 136 -9.47 -9.12 -17.01
C LYS B 136 -10.08 -9.59 -18.33
N ASN B 137 -10.47 -8.66 -19.20
CA ASN B 137 -11.13 -9.02 -20.46
C ASN B 137 -10.13 -9.39 -21.56
N ALA B 138 -10.65 -9.70 -22.74
CA ALA B 138 -9.81 -10.10 -23.91
C ALA B 138 -8.73 -9.08 -24.27
N ASP B 139 -9.07 -7.79 -24.16
CA ASP B 139 -8.09 -6.72 -24.42
C ASP B 139 -7.13 -6.45 -23.25
N GLY B 140 -7.19 -7.28 -22.21
CA GLY B 140 -6.35 -7.10 -21.03
C GLY B 140 -6.76 -5.91 -20.15
N VAL B 141 -8.04 -5.57 -20.16
CA VAL B 141 -8.55 -4.48 -19.30
C VAL B 141 -9.23 -5.09 -18.11
N TRP B 142 -8.90 -4.57 -16.92
CA TRP B 142 -9.53 -5.04 -15.71
C TRP B 142 -10.88 -4.35 -15.53
N PHE B 143 -11.85 -5.13 -15.07
CA PHE B 143 -13.20 -4.66 -14.87
C PHE B 143 -13.91 -5.49 -13.80
N PHE B 144 -15.06 -4.98 -13.34
CA PHE B 144 -15.91 -5.70 -12.43
C PHE B 144 -17.38 -5.37 -12.70
N THR B 145 -18.21 -6.41 -12.85
CA THR B 145 -19.66 -6.27 -12.93
C THR B 145 -20.29 -7.15 -11.85
N PRO B 146 -21.15 -6.58 -10.96
CA PRO B 146 -21.86 -7.36 -9.96
C PRO B 146 -22.65 -8.52 -10.57
N GLY B 147 -22.63 -9.64 -9.86
CA GLY B 147 -23.29 -10.88 -10.33
C GLY B 147 -24.77 -10.89 -10.07
N THR B 148 -25.17 -10.11 -9.08
CA THR B 148 -26.59 -9.95 -8.73
C THR B 148 -26.88 -8.45 -8.76
N PRO B 149 -28.13 -8.02 -9.00
CA PRO B 149 -28.47 -6.57 -8.97
C PRO B 149 -28.14 -5.91 -7.64
N LEU B 150 -27.56 -4.70 -7.69
CA LEU B 150 -27.47 -3.85 -6.51
C LEU B 150 -28.80 -3.16 -6.21
N ALA B 151 -29.19 -3.12 -4.94
CA ALA B 151 -30.37 -2.34 -4.53
C ALA B 151 -30.11 -0.86 -4.77
N ASP B 152 -31.18 -0.08 -4.95
CA ASP B 152 -31.05 1.38 -5.10
C ASP B 152 -30.38 2.00 -3.89
N GLY B 153 -29.51 2.96 -4.18
CA GLY B 153 -28.85 3.65 -3.10
C GLY B 153 -27.48 4.13 -3.54
N SER B 154 -26.73 4.63 -2.58
CA SER B 154 -25.45 5.24 -2.90
C SER B 154 -24.29 4.39 -2.44
N TYR B 155 -23.37 4.09 -3.34
CA TYR B 155 -22.32 3.13 -3.00
C TYR B 155 -20.96 3.76 -3.04
N THR B 156 -20.17 3.52 -1.98
CA THR B 156 -18.78 3.96 -1.92
C THR B 156 -17.93 2.79 -2.45
N ILE B 157 -17.21 3.04 -3.55
CA ILE B 157 -16.54 1.99 -4.32
C ILE B 157 -15.07 2.37 -4.49
N SER B 158 -14.17 1.41 -4.29
CA SER B 158 -12.77 1.68 -4.58
C SER B 158 -12.10 0.42 -5.13
N VAL B 159 -10.87 0.56 -5.61
CA VAL B 159 -10.13 -0.60 -6.16
C VAL B 159 -8.81 -0.74 -5.44
N ILE B 160 -8.41 -1.99 -5.21
CA ILE B 160 -7.15 -2.29 -4.56
C ILE B 160 -6.33 -3.15 -5.50
N ALA B 161 -5.11 -2.71 -5.81
CA ALA B 161 -4.26 -3.41 -6.75
C ALA B 161 -2.94 -3.82 -6.08
N SER B 162 -2.50 -5.05 -6.33
CA SER B 162 -1.20 -5.50 -5.81
C SER B 162 -0.36 -6.13 -6.90
N ASP B 163 0.97 -5.94 -6.79
CA ASP B 163 1.93 -6.59 -7.66
C ASP B 163 2.43 -7.92 -7.09
N ALA B 164 3.35 -8.59 -7.79
CA ALA B 164 3.81 -9.91 -7.31
C ALA B 164 4.61 -9.83 -6.02
N ALA B 165 5.28 -8.70 -5.78
CA ALA B 165 6.01 -8.55 -4.52
C ALA B 165 5.03 -8.34 -3.37
N GLY B 166 3.77 -8.08 -3.67
CA GLY B 166 2.80 -7.82 -2.61
C GLY B 166 2.66 -6.36 -2.24
N ASN B 167 3.26 -5.46 -3.02
CA ASN B 167 2.97 -4.03 -2.84
C ASN B 167 1.52 -3.83 -3.16
N GLN B 168 0.84 -2.98 -2.39
CA GLN B 168 -0.58 -2.77 -2.58
C GLN B 168 -0.92 -1.29 -2.52
N LYS B 169 -1.63 -0.80 -3.54
CA LYS B 169 -2.17 0.58 -3.56
C LYS B 169 -3.71 0.57 -3.65
N ASN B 170 -4.35 1.50 -2.95
CA ASN B 170 -5.80 1.63 -2.85
C ASN B 170 -6.22 2.90 -3.56
N SER B 171 -7.22 2.81 -4.44
CA SER B 171 -7.68 3.97 -5.20
C SER B 171 -8.35 5.00 -4.28
N LEU B 172 -8.55 6.19 -4.83
CA LEU B 172 -9.51 7.11 -4.28
C LEU B 172 -10.91 6.46 -4.45
N PRO B 173 -11.84 6.74 -3.53
CA PRO B 173 -13.17 6.19 -3.73
C PRO B 173 -13.94 6.91 -4.82
N ILE B 174 -14.95 6.25 -5.36
CA ILE B 174 -15.99 6.91 -6.15
C ILE B 174 -17.32 6.62 -5.45
N THR B 175 -18.31 7.47 -5.72
CA THR B 175 -19.61 7.33 -5.10
C THR B 175 -20.56 7.15 -6.26
N VAL B 176 -21.20 5.96 -6.36
CA VAL B 176 -22.08 5.65 -7.48
C VAL B 176 -23.52 5.46 -6.93
N THR B 177 -24.48 6.10 -7.58
CA THR B 177 -25.88 6.00 -7.18
C THR B 177 -26.61 5.12 -8.15
N ILE B 178 -27.21 4.06 -7.59
CA ILE B 178 -28.10 3.20 -8.35
C ILE B 178 -29.50 3.70 -8.14
N ASP B 179 -30.11 4.13 -9.24
CA ASP B 179 -31.47 4.67 -9.23
C ASP B 179 -32.26 4.03 -10.37
N SER B 180 -33.03 3.01 -10.04
CA SER B 180 -33.83 2.25 -11.00
C SER B 180 -35.30 2.44 -10.66
N THR B 181 -35.57 3.47 -9.85
CA THR B 181 -36.91 3.69 -9.29
C THR B 181 -37.50 4.99 -9.76
N LEU B 182 -38.76 4.94 -10.20
CA LEU B 182 -39.52 6.15 -10.54
C LEU B 182 -41.02 5.86 -10.33
N THR B 183 -41.70 6.66 -9.51
CA THR B 183 -43.13 6.47 -9.25
C THR B 183 -43.96 6.65 -10.55
N VAL B 184 -44.94 5.77 -10.78
CA VAL B 184 -45.84 6.01 -11.92
C VAL B 184 -46.69 7.23 -11.58
N PRO B 185 -46.71 8.23 -12.48
CA PRO B 185 -47.41 9.45 -12.10
C PRO B 185 -48.92 9.30 -12.35
N GLU B 186 -49.70 10.32 -12.00
CA GLU B 186 -51.14 10.25 -12.24
C GLU B 186 -51.64 11.62 -12.64
N ILE B 187 -52.60 11.62 -13.56
CA ILE B 187 -53.28 12.84 -13.94
C ILE B 187 -54.77 12.79 -13.52
N ALA B 188 -55.28 13.90 -13.01
CA ALA B 188 -56.68 13.97 -12.60
C ALA B 188 -57.15 15.37 -12.80
N LEU B 189 -58.46 15.52 -12.95
CA LEU B 189 -59.10 16.82 -12.94
C LEU B 189 -58.90 17.42 -11.55
N ALA B 190 -58.44 18.67 -11.49
CA ALA B 190 -58.25 19.40 -10.24
C ALA B 190 -59.59 19.60 -9.52
N ALA B 191 -59.52 19.93 -8.24
CA ALA B 191 -60.68 20.03 -7.33
C ALA B 191 -62.01 20.54 -7.94
N GLY B 192 -62.07 21.76 -8.45
CA GLY B 192 -63.38 22.27 -8.91
C GLY B 192 -63.91 21.68 -10.22
N GLU B 193 -63.02 20.97 -10.94
CA GLU B 193 -63.17 20.72 -12.40
C GLU B 193 -64.10 19.59 -12.86
N ASP B 194 -64.15 18.49 -12.13
CA ASP B 194 -65.11 17.44 -12.45
C ASP B 194 -66.47 17.80 -11.87
N ASN B 195 -67.24 18.55 -12.66
CA ASN B 195 -68.47 19.17 -12.16
C ASN B 195 -69.75 18.71 -12.87
N GLY B 196 -70.71 19.61 -13.08
CA GLY B 196 -72.00 19.25 -13.69
C GLY B 196 -72.71 18.14 -12.93
N ALA B 197 -73.15 17.11 -13.66
CA ALA B 197 -73.94 16.03 -13.06
C ALA B 197 -73.23 15.19 -11.96
N SER B 198 -71.89 15.29 -11.88
CA SER B 198 -71.08 14.43 -10.98
C SER B 198 -69.68 14.98 -10.67
N ASP B 199 -69.16 14.57 -9.52
CA ASP B 199 -67.80 14.89 -9.11
C ASP B 199 -66.81 13.76 -9.42
N SER B 200 -67.28 12.70 -10.09
CA SER B 200 -66.41 11.56 -10.38
C SER B 200 -66.62 10.85 -11.73
N ASP B 201 -67.35 11.44 -12.67
CA ASP B 201 -67.52 10.80 -13.99
C ASP B 201 -66.56 11.31 -15.06
N ASN B 202 -65.71 12.25 -14.69
CA ASN B 202 -64.75 12.88 -15.60
C ASN B 202 -65.43 13.58 -16.77
N VAL B 203 -66.68 13.97 -16.56
CA VAL B 203 -67.37 14.80 -17.54
C VAL B 203 -67.43 16.23 -16.97
N THR B 204 -66.89 17.19 -17.70
CA THR B 204 -66.75 18.54 -17.20
C THR B 204 -67.45 19.51 -18.15
N ASN B 205 -68.03 20.58 -17.62
CA ASN B 205 -68.51 21.67 -18.45
C ASN B 205 -67.46 22.77 -18.69
N HIS B 206 -66.24 22.57 -18.18
CA HIS B 206 -65.15 23.53 -18.45
C HIS B 206 -64.46 23.18 -19.77
N THR B 207 -64.38 24.16 -20.66
CA THR B 207 -63.73 23.96 -21.96
C THR B 207 -62.19 24.01 -21.83
N GLN B 208 -61.71 24.56 -20.72
CA GLN B 208 -60.27 24.65 -20.48
C GLN B 208 -59.97 24.08 -19.09
N PRO B 209 -60.29 22.77 -18.88
CA PRO B 209 -60.24 22.24 -17.51
C PRO B 209 -58.81 22.12 -16.97
N LYS B 210 -58.66 22.26 -15.65
CA LYS B 210 -57.35 22.20 -15.00
C LYS B 210 -57.11 20.81 -14.41
N PHE B 211 -55.93 20.28 -14.67
CA PHE B 211 -55.55 18.96 -14.23
C PHE B 211 -54.44 19.03 -13.20
N THR B 212 -54.53 18.17 -12.20
CA THR B 212 -53.45 18.02 -11.25
C THR B 212 -52.56 16.83 -11.66
N LEU B 213 -51.25 17.01 -11.60
CA LEU B 213 -50.28 15.93 -11.85
C LEU B 213 -49.66 15.52 -10.53
N GLN B 214 -49.96 14.30 -10.10
CA GLN B 214 -49.54 13.85 -8.76
C GLN B 214 -48.57 12.68 -8.88
N HIS B 215 -47.94 12.33 -7.75
CA HIS B 215 -46.92 11.27 -7.75
C HIS B 215 -45.79 11.56 -8.74
N ILE B 216 -45.31 12.80 -8.71
CA ILE B 216 -44.14 13.23 -9.51
C ILE B 216 -42.92 13.28 -8.60
N ASP B 217 -41.96 12.37 -8.78
CA ASP B 217 -40.82 12.30 -7.85
C ASP B 217 -39.96 13.55 -7.91
N ALA B 218 -39.26 13.86 -6.83
CA ALA B 218 -38.43 15.08 -6.75
C ALA B 218 -37.25 15.11 -7.76
N ASP B 219 -36.77 13.93 -8.17
CA ASP B 219 -35.64 13.84 -9.08
C ASP B 219 -36.08 13.81 -10.57
N VAL B 220 -37.33 14.15 -10.84
CA VAL B 220 -37.85 14.20 -12.21
C VAL B 220 -37.22 15.38 -12.97
N THR B 221 -36.83 15.14 -14.21
CA THR B 221 -36.20 16.18 -15.01
C THR B 221 -37.13 16.71 -16.11
N GLY B 222 -38.21 15.96 -16.35
CA GLY B 222 -39.09 16.24 -17.46
C GLY B 222 -40.48 15.73 -17.14
N VAL B 223 -41.47 16.60 -17.31
CA VAL B 223 -42.87 16.24 -17.14
C VAL B 223 -43.67 16.70 -18.36
N THR B 224 -44.30 15.77 -19.06
CA THR B 224 -45.12 16.11 -20.23
C THR B 224 -46.52 15.49 -20.14
N VAL B 225 -47.50 16.14 -20.79
CA VAL B 225 -48.87 15.62 -20.81
C VAL B 225 -49.23 15.30 -22.25
N ASN B 226 -49.77 14.10 -22.45
CA ASN B 226 -50.20 13.60 -23.74
C ASN B 226 -51.71 13.78 -23.87
N VAL B 227 -52.18 14.40 -24.95
CA VAL B 227 -53.62 14.57 -25.15
C VAL B 227 -53.98 13.97 -26.52
N THR B 228 -54.90 13.01 -26.50
CA THR B 228 -55.37 12.33 -27.71
C THR B 228 -56.85 12.67 -27.89
N HIS B 229 -57.17 13.25 -29.04
CA HIS B 229 -58.54 13.64 -29.38
C HIS B 229 -58.68 13.21 -30.82
N ASN B 230 -59.73 12.43 -31.11
CA ASN B 230 -60.01 11.91 -32.46
C ASN B 230 -58.84 11.16 -33.13
N GLY B 231 -58.14 10.33 -32.34
CA GLY B 231 -57.00 9.54 -32.83
C GLY B 231 -55.72 10.31 -33.09
N VAL B 232 -55.72 11.60 -32.76
CA VAL B 232 -54.56 12.49 -32.95
C VAL B 232 -53.98 12.91 -31.58
N THR B 233 -52.68 12.70 -31.37
CA THR B 233 -52.02 13.00 -30.09
C THR B 233 -51.12 14.24 -30.18
N ASP B 234 -51.32 15.16 -29.24
CA ASP B 234 -50.39 16.27 -29.04
C ASP B 234 -49.79 16.22 -27.63
N ILE B 235 -48.54 16.64 -27.52
CA ILE B 235 -47.79 16.60 -26.24
C ILE B 235 -47.50 18.03 -25.77
N TYR B 236 -47.70 18.26 -24.47
CA TYR B 236 -47.44 19.55 -23.86
C TYR B 236 -46.49 19.42 -22.67
N GLN B 237 -45.66 20.43 -22.49
CA GLN B 237 -44.83 20.57 -21.30
C GLN B 237 -45.70 20.95 -20.12
N ALA B 238 -45.60 20.21 -19.01
CA ALA B 238 -46.33 20.56 -17.79
C ALA B 238 -45.87 21.87 -17.14
N THR B 239 -46.77 22.45 -16.36
CA THR B 239 -46.53 23.65 -15.59
C THR B 239 -46.17 23.20 -14.18
N GLN B 240 -45.07 23.75 -13.66
CA GLN B 240 -44.76 23.62 -12.23
C GLN B 240 -44.96 24.96 -11.55
N GLY B 241 -45.93 25.03 -10.63
CA GLY B 241 -46.26 26.27 -9.96
C GLY B 241 -46.25 26.17 -8.45
N ALA B 242 -46.71 27.24 -7.81
CA ALA B 242 -46.93 27.29 -6.35
C ALA B 242 -47.89 26.19 -5.89
N ASP B 243 -48.75 25.75 -6.81
CA ASP B 243 -49.70 24.65 -6.56
C ASP B 243 -49.15 23.24 -6.87
N GLY B 244 -47.89 23.17 -7.33
CA GLY B 244 -47.29 21.90 -7.75
C GLY B 244 -47.24 21.76 -9.26
N TRP B 245 -47.30 20.53 -9.75
CA TRP B 245 -47.35 20.25 -11.19
C TRP B 245 -48.80 20.24 -11.66
N THR B 246 -49.10 20.99 -12.73
CA THR B 246 -50.45 21.06 -13.26
C THR B 246 -50.42 21.09 -14.79
N PHE B 247 -51.58 20.85 -15.38
CA PHE B 247 -51.74 21.06 -16.81
C PHE B 247 -53.08 21.70 -17.09
N THR B 248 -53.06 22.73 -17.92
CA THR B 248 -54.29 23.28 -18.48
C THR B 248 -54.07 23.47 -19.98
N PRO B 249 -54.98 22.97 -20.83
CA PRO B 249 -54.75 23.10 -22.29
C PRO B 249 -54.65 24.58 -22.65
N PRO B 250 -53.72 24.94 -23.55
CA PRO B 250 -53.43 26.37 -23.75
C PRO B 250 -54.54 27.13 -24.50
N ALA B 251 -55.53 26.41 -25.01
CA ALA B 251 -56.72 27.02 -25.59
C ALA B 251 -57.91 26.10 -25.32
N ALA B 252 -59.12 26.65 -25.43
CA ALA B 252 -60.36 25.92 -25.21
C ALA B 252 -60.52 24.71 -26.13
N TRP B 253 -61.05 23.63 -25.57
CA TRP B 253 -61.31 22.43 -26.34
C TRP B 253 -62.74 22.42 -26.83
N ASN B 254 -62.95 21.93 -28.04
CA ASN B 254 -64.31 21.58 -28.48
C ASN B 254 -64.89 20.52 -27.56
N ASP B 255 -66.22 20.49 -27.43
CA ASP B 255 -66.92 19.35 -26.82
C ASP B 255 -66.48 18.04 -27.49
N GLY B 256 -66.34 17.00 -26.68
CA GLY B 256 -65.81 15.73 -27.19
C GLY B 256 -65.03 14.97 -26.14
N ASN B 257 -64.27 13.99 -26.62
CA ASN B 257 -63.57 13.06 -25.75
C ASN B 257 -62.07 13.25 -25.84
N TYR B 258 -61.43 13.32 -24.66
CA TYR B 258 -59.99 13.53 -24.56
C TYR B 258 -59.43 12.46 -23.66
N THR B 259 -58.35 11.83 -24.13
CA THR B 259 -57.64 10.83 -23.33
C THR B 259 -56.31 11.49 -22.99
N LEU B 260 -56.01 11.58 -21.69
CA LEU B 260 -54.77 12.18 -21.25
C LEU B 260 -53.92 11.20 -20.50
N SER B 261 -52.61 11.40 -20.59
CA SER B 261 -51.70 10.77 -19.64
C SER B 261 -50.55 11.75 -19.37
N VAL B 262 -49.82 11.49 -18.28
CA VAL B 262 -48.60 12.24 -17.98
C VAL B 262 -47.42 11.25 -18.01
N THR B 263 -46.29 11.72 -18.55
CA THR B 263 -45.03 10.99 -18.66
C THR B 263 -43.97 11.73 -17.85
N VAL B 264 -43.20 11.01 -17.01
CA VAL B 264 -42.07 11.58 -16.26
C VAL B 264 -40.79 10.86 -16.67
N VAL B 265 -39.67 11.60 -16.65
CA VAL B 265 -38.35 10.99 -16.82
C VAL B 265 -37.50 11.55 -15.69
N ASP B 266 -36.62 10.72 -15.12
CA ASP B 266 -35.71 11.20 -14.07
C ASP B 266 -34.27 11.29 -14.57
N ARG B 267 -33.34 11.65 -13.69
CA ARG B 267 -31.92 11.80 -14.09
C ARG B 267 -31.27 10.54 -14.65
N ALA B 268 -31.71 9.37 -14.16
CA ALA B 268 -31.14 8.10 -14.59
C ALA B 268 -31.76 7.58 -15.89
N GLY B 269 -32.74 8.32 -16.40
CA GLY B 269 -33.41 7.96 -17.65
C GLY B 269 -34.52 6.97 -17.43
N ASN B 270 -34.90 6.74 -16.18
CA ASN B 270 -36.13 6.02 -15.88
C ASN B 270 -37.28 6.79 -16.50
N SER B 271 -38.30 6.09 -16.95
CA SER B 271 -39.41 6.72 -17.67
C SER B 271 -40.69 5.98 -17.37
N GLN B 272 -41.71 6.73 -16.93
CA GLN B 272 -43.02 6.13 -16.62
C GLN B 272 -44.12 6.95 -17.24
N GLN B 273 -45.17 6.27 -17.72
CA GLN B 273 -46.39 6.96 -18.18
C GLN B 273 -47.55 6.62 -17.25
N SER B 274 -48.36 7.62 -16.89
CA SER B 274 -49.56 7.42 -16.06
C SER B 274 -50.55 6.46 -16.72
N ALA B 275 -51.44 5.90 -15.90
CA ALA B 275 -52.69 5.34 -16.47
C ALA B 275 -53.37 6.47 -17.26
N SER B 276 -54.08 6.14 -18.33
CA SER B 276 -54.78 7.17 -19.08
C SER B 276 -56.07 7.58 -18.37
N LEU B 277 -56.50 8.79 -18.66
CA LEU B 277 -57.70 9.36 -18.10
C LEU B 277 -58.59 9.80 -19.25
N ALA B 278 -59.81 9.26 -19.31
CA ALA B 278 -60.80 9.62 -20.35
C ALA B 278 -61.76 10.72 -19.87
N VAL B 279 -61.54 11.92 -20.40
CA VAL B 279 -62.36 13.07 -20.06
C VAL B 279 -63.31 13.47 -21.19
N THR B 280 -64.45 13.99 -20.78
CA THR B 280 -65.45 14.47 -21.72
C THR B 280 -65.73 15.91 -21.39
N VAL B 281 -65.57 16.78 -22.39
CA VAL B 281 -65.96 18.17 -22.25
C VAL B 281 -67.40 18.31 -22.77
N ASP B 282 -68.24 18.94 -21.96
CA ASP B 282 -69.63 19.22 -22.28
C ASP B 282 -70.06 20.56 -21.74
N SER B 283 -70.01 21.57 -22.60
CA SER B 283 -70.28 22.93 -22.21
C SER B 283 -71.66 23.44 -22.69
N THR B 284 -72.43 22.58 -23.36
CA THR B 284 -73.76 22.97 -23.83
C THR B 284 -74.84 21.94 -23.50
CA CA C . 11.50 -19.44 1.64
CA CA D . -5.79 4.71 8.25
CA CA E . 27.11 -8.26 14.51
CA CA F . 31.52 -18.00 11.26
CA CA G . 61.90 -33.20 17.69
CA CA H . -25.91 8.91 -15.45
CA CA I . -35.50 7.96 -9.55
CA CA J . -68.67 15.57 -13.83
CA CA K . 6.42 -3.54 -8.64
#